data_6RCJ
#
_entry.id   6RCJ
#
_cell.length_a   43.995
_cell.length_b   141.524
_cell.length_c   34.726
_cell.angle_alpha   90.00
_cell.angle_beta   90.00
_cell.angle_gamma   90.00
#
_symmetry.space_group_name_H-M   'C 2 2 2'
#
loop_
_entity.id
_entity.type
_entity.pdbx_description
1 polymer 'Protein enabled homolog'
2 non-polymer "methyl 2-[(3~{a}~{R},6~{R},8~{a}~{S})-1-[(3~{S},6~{R},8~{a}~{S})-1'-[(2~{S})-2-acetamido-3-(2-chlorophenyl)propanoyl]-5-oxidanylidene-spiro[1,2,3,8~{a}-tetrahydroindolizine-6,2'-pyrrolidine]-3-yl]carbonyl-6-ethyl-8-oxidanylidene-3,3~{a},6,8~{a}-tetrahydro-2~{H}-pyrrolo[2,3-c]azepin-7-yl]ethanoate"
3 non-polymer 'NITRATE ION'
4 non-polymer GLYCEROL
5 water water
#
_entity_poly.entity_id   1
_entity_poly.type   'polypeptide(L)'
_entity_poly.pdbx_seq_one_letter_code
;GSMSEQSICQARAAVMVYDDANKKWVPAGGSTGFSRVHIYHHTGNNTFRVVGRKIQDHQVVINCAIPKGLKYNQATQTFH
QWRDARQVYGLNFGSKEDANVFASAMMHALEVL
;
_entity_poly.pdbx_strand_id   A
#
loop_
_chem_comp.id
_chem_comp.type
_chem_comp.name
_chem_comp.formula
GOL non-polymer GLYCEROL 'C3 H8 O3'
K0H non-polymer 'methyl 2-[(3~{a}~{R},6~{R},8~{a}~{S})-1-[(3~{S},6~{R},8~{a}~{S})-1'-[(2~{S})-2-acetamido-3-(2-chlorophenyl)propanoyl]-5-oxidanylidene-spiro[1,2,3,8~{a}-tetrahydroindolizine-6,2'-pyrrolidine]-3-yl]carbonyl-6-ethyl-8-oxidanylidene-3,3~{a},6,8~{a}-tetrahydro-2~{H}-pyrrolo[2,3-c]azepin-7-yl]ethanoate' 'C36 H44 Cl N5 O7'
NO3 non-polymer 'NITRATE ION' 'N O3 -1'
#
# COMPACT_ATOMS: atom_id res chain seq x y z
N SER A 4 -13.14 -3.52 -14.37
CA SER A 4 -12.21 -4.57 -14.78
C SER A 4 -10.81 -4.26 -14.24
N GLU A 5 -10.39 -5.03 -13.24
CA GLU A 5 -9.15 -4.75 -12.51
C GLU A 5 -8.26 -5.99 -12.56
N GLN A 6 -6.98 -5.79 -12.90
CA GLN A 6 -6.01 -6.86 -12.98
C GLN A 6 -4.96 -6.65 -11.89
N SER A 7 -4.72 -7.68 -11.11
CA SER A 7 -3.70 -7.58 -10.05
C SER A 7 -2.32 -7.66 -10.70
N ILE A 8 -1.45 -6.70 -10.41
CA ILE A 8 -0.09 -6.73 -10.93
C ILE A 8 0.91 -7.12 -9.87
N CYS A 9 0.47 -7.25 -8.63
CA CYS A 9 1.35 -7.80 -7.62
C CYS A 9 0.51 -8.12 -6.41
N GLN A 10 1.06 -8.96 -5.54
CA GLN A 10 0.55 -9.28 -4.20
C GLN A 10 1.71 -9.33 -3.23
N ALA A 11 1.60 -8.60 -2.16
CA ALA A 11 2.62 -8.61 -1.15
C ALA A 11 2.04 -8.60 0.26
N ARG A 12 2.76 -9.22 1.17
CA ARG A 12 2.31 -9.36 2.53
C ARG A 12 2.82 -8.15 3.29
N ALA A 13 1.93 -7.43 4.00
CA ALA A 13 2.42 -6.27 4.78
C ALA A 13 1.39 -5.93 5.85
N ALA A 14 1.86 -5.37 6.93
CA ALA A 14 0.92 -4.69 7.85
C ALA A 14 0.78 -3.23 7.46
N VAL A 15 -0.41 -2.91 7.07
CA VAL A 15 -0.73 -1.61 6.51
C VAL A 15 -0.92 -0.63 7.66
N MET A 16 -0.19 0.49 7.64
CA MET A 16 -0.22 1.48 8.69
C MET A 16 -0.67 2.82 8.12
N VAL A 17 -1.26 3.66 8.97
N VAL A 17 -1.25 3.64 9.00
CA VAL A 17 -1.51 5.04 8.58
CA VAL A 17 -1.63 5.00 8.70
C VAL A 17 -1.02 5.89 9.75
C VAL A 17 -0.92 5.85 9.76
N TYR A 18 -0.49 7.06 9.39
CA TYR A 18 0.11 7.94 10.35
C TYR A 18 -0.90 8.85 11.04
N ASP A 19 -0.96 8.77 12.33
CA ASP A 19 -1.81 9.64 13.15
C ASP A 19 -1.02 10.89 13.43
N ASP A 20 -1.24 11.93 12.63
CA ASP A 20 -0.39 13.11 12.76
C ASP A 20 -0.50 13.75 14.14
N ALA A 21 -1.70 13.75 14.72
CA ALA A 21 -1.84 14.45 15.99
C ALA A 21 -1.01 13.81 17.11
N ASN A 22 -0.91 12.48 17.10
CA ASN A 22 -0.17 11.78 18.11
C ASN A 22 1.21 11.35 17.66
N LYS A 23 1.58 11.62 16.41
CA LYS A 23 2.90 11.32 15.89
C LYS A 23 3.24 9.86 16.04
N LYS A 24 2.29 8.98 15.61
CA LYS A 24 2.37 7.55 15.78
C LYS A 24 1.80 6.88 14.55
N TRP A 25 2.31 5.68 14.19
CA TRP A 25 1.69 4.82 13.20
C TRP A 25 0.60 4.04 13.92
N VAL A 26 -0.52 3.87 13.26
CA VAL A 26 -1.66 3.10 13.75
C VAL A 26 -2.08 2.11 12.68
N PRO A 27 -2.65 0.96 13.04
CA PRO A 27 -3.01 -0.02 12.02
C PRO A 27 -4.13 0.50 11.12
N ALA A 28 -3.97 0.35 9.82
CA ALA A 28 -5.06 0.75 8.93
C ALA A 28 -6.30 -0.10 9.22
N GLY A 29 -7.48 0.58 9.21
CA GLY A 29 -8.73 -0.09 9.50
C GLY A 29 -8.91 -0.43 10.96
N GLY A 30 -7.96 -0.08 11.83
N GLY A 30 -7.97 -0.06 11.82
CA GLY A 30 -8.12 -0.24 13.24
CA GLY A 30 -8.11 -0.25 13.24
C GLY A 30 -7.74 -1.58 13.77
C GLY A 30 -7.76 -1.61 13.74
N SER A 31 -7.15 -2.42 12.92
N SER A 31 -7.15 -2.44 12.89
CA SER A 31 -7.04 -3.86 13.09
CA SER A 31 -7.04 -3.88 13.07
C SER A 31 -5.60 -4.28 12.89
C SER A 31 -5.60 -4.28 12.89
N THR A 32 -4.87 -4.49 14.00
CA THR A 32 -3.47 -4.93 13.87
C THR A 32 -3.33 -6.31 13.20
N GLY A 33 -2.39 -6.39 12.27
CA GLY A 33 -2.14 -7.66 11.64
C GLY A 33 -1.75 -7.47 10.19
N PHE A 34 -1.43 -8.56 9.52
CA PHE A 34 -0.99 -8.55 8.14
C PHE A 34 -2.11 -8.68 7.15
N SER A 35 -1.91 -7.98 6.00
CA SER A 35 -2.83 -7.99 4.88
C SER A 35 -2.12 -8.49 3.65
N ARG A 36 -2.93 -8.91 2.65
CA ARG A 36 -2.42 -9.13 1.29
C ARG A 36 -2.71 -7.84 0.57
N VAL A 37 -1.65 -7.22 0.07
CA VAL A 37 -1.71 -5.91 -0.53
C VAL A 37 -1.47 -6.05 -2.01
N HIS A 38 -2.41 -5.64 -2.87
CA HIS A 38 -2.34 -5.70 -4.31
C HIS A 38 -2.08 -4.31 -4.85
N ILE A 39 -1.43 -4.25 -6.01
CA ILE A 39 -1.68 -3.13 -6.93
C ILE A 39 -2.57 -3.63 -8.03
N TYR A 40 -3.71 -2.98 -8.24
CA TYR A 40 -4.66 -3.31 -9.31
C TYR A 40 -4.58 -2.28 -10.41
N HIS A 41 -4.54 -2.79 -11.61
CA HIS A 41 -4.47 -1.97 -12.82
C HIS A 41 -5.84 -2.00 -13.51
N HIS A 42 -6.41 -0.83 -13.69
CA HIS A 42 -7.58 -0.65 -14.53
C HIS A 42 -7.12 -0.18 -15.92
N THR A 43 -7.16 -1.09 -16.90
CA THR A 43 -6.51 -0.77 -18.17
C THR A 43 -7.29 0.27 -18.97
N GLY A 44 -8.62 0.36 -18.75
CA GLY A 44 -9.43 1.30 -19.54
C GLY A 44 -8.91 2.72 -19.54
N ASN A 45 -8.46 3.20 -18.38
CA ASN A 45 -7.88 4.53 -18.27
C ASN A 45 -6.47 4.53 -17.67
N ASN A 46 -5.80 3.38 -17.76
CA ASN A 46 -4.47 3.18 -17.21
C ASN A 46 -4.33 3.80 -15.81
N THR A 47 -5.20 3.35 -14.90
CA THR A 47 -5.08 3.75 -13.50
C THR A 47 -4.67 2.56 -12.64
N PHE A 48 -4.09 2.88 -11.48
CA PHE A 48 -3.58 1.90 -10.55
C PHE A 48 -4.00 2.29 -9.16
N ARG A 49 -4.33 1.29 -8.33
CA ARG A 49 -4.72 1.52 -6.95
C ARG A 49 -4.02 0.47 -6.09
N VAL A 50 -3.75 0.83 -4.87
CA VAL A 50 -3.30 -0.06 -3.78
C VAL A 50 -4.53 -0.52 -2.99
N VAL A 51 -4.75 -1.82 -2.91
CA VAL A 51 -5.90 -2.40 -2.22
C VAL A 51 -5.39 -3.54 -1.37
N GLY A 52 -5.55 -3.41 -0.08
CA GLY A 52 -5.12 -4.45 0.83
C GLY A 52 -6.24 -4.97 1.71
N ARG A 53 -6.24 -6.26 1.93
CA ARG A 53 -7.29 -6.95 2.74
C ARG A 53 -6.63 -7.78 3.82
N LYS A 54 -7.14 -7.70 5.01
N LYS A 54 -7.17 -7.72 5.01
CA LYS A 54 -6.57 -8.46 6.11
CA LYS A 54 -6.61 -8.46 6.13
C LYS A 54 -6.64 -9.96 5.79
C LYS A 54 -6.68 -9.96 5.85
N ILE A 55 -5.58 -10.66 6.15
CA ILE A 55 -5.53 -12.10 5.90
C ILE A 55 -6.64 -12.79 6.66
N GLN A 56 -6.87 -12.42 7.94
N GLN A 56 -6.84 -12.43 7.93
CA GLN A 56 -7.86 -13.16 8.75
CA GLN A 56 -7.83 -13.12 8.75
C GLN A 56 -9.26 -12.93 8.19
C GLN A 56 -9.24 -12.93 8.20
N ASP A 57 -9.78 -11.72 8.27
CA ASP A 57 -11.20 -11.48 8.08
C ASP A 57 -11.53 -10.77 6.76
N HIS A 58 -10.53 -10.51 5.87
CA HIS A 58 -10.79 -9.97 4.56
C HIS A 58 -11.16 -8.50 4.55
N GLN A 59 -11.12 -7.78 5.68
CA GLN A 59 -11.48 -6.39 5.66
C GLN A 59 -10.54 -5.66 4.71
N VAL A 60 -11.14 -4.83 3.84
CA VAL A 60 -10.36 -3.87 3.09
C VAL A 60 -9.86 -2.79 4.03
N VAL A 61 -8.54 -2.71 4.20
CA VAL A 61 -7.92 -1.73 5.07
C VAL A 61 -7.23 -0.60 4.31
N ILE A 62 -7.01 -0.71 3.03
CA ILE A 62 -6.49 0.38 2.22
C ILE A 62 -7.07 0.21 0.82
N ASN A 63 -7.37 1.33 0.17
CA ASN A 63 -7.90 1.37 -1.20
C ASN A 63 -7.63 2.80 -1.67
N CYS A 64 -6.41 3.02 -2.14
N CYS A 64 -6.42 2.99 -2.19
CA CYS A 64 -6.02 4.38 -2.50
CA CYS A 64 -5.83 4.30 -2.45
C CYS A 64 -5.38 4.47 -3.89
C CYS A 64 -5.47 4.40 -3.94
N ALA A 65 -5.60 5.59 -4.51
CA ALA A 65 -5.06 5.86 -5.82
C ALA A 65 -3.56 5.95 -5.80
N ILE A 66 -2.97 5.63 -6.95
CA ILE A 66 -1.56 5.89 -7.19
C ILE A 66 -1.44 6.97 -8.26
N PRO A 67 -1.27 8.21 -7.91
CA PRO A 67 -1.25 9.26 -8.91
C PRO A 67 0.07 9.38 -9.58
N LYS A 68 0.05 9.85 -10.83
CA LYS A 68 1.28 10.18 -11.52
C LYS A 68 2.10 11.14 -10.64
N GLY A 69 3.39 10.89 -10.56
CA GLY A 69 4.29 11.78 -9.82
C GLY A 69 4.50 11.43 -8.36
N LEU A 70 3.81 10.39 -7.87
N LEU A 70 3.81 10.42 -7.85
CA LEU A 70 3.97 10.03 -6.47
CA LEU A 70 3.91 10.11 -6.43
C LEU A 70 5.43 9.82 -6.11
C LEU A 70 5.35 9.76 -6.06
N LYS A 71 5.78 10.26 -4.92
CA LYS A 71 7.10 10.00 -4.34
C LYS A 71 6.95 8.79 -3.40
N TYR A 72 7.49 7.70 -3.78
CA TYR A 72 7.41 6.46 -3.00
C TYR A 72 8.71 6.27 -2.29
N ASN A 73 8.65 6.32 -0.98
CA ASN A 73 9.83 6.37 -0.13
C ASN A 73 10.16 4.99 0.44
N GLN A 74 11.32 4.45 0.11
CA GLN A 74 11.75 3.15 0.62
C GLN A 74 12.62 3.43 1.86
N ALA A 75 11.97 3.67 2.97
CA ALA A 75 12.66 4.11 4.18
C ALA A 75 13.66 3.07 4.62
N THR A 76 13.24 1.81 4.59
CA THR A 76 14.11 0.69 4.91
C THR A 76 13.79 -0.43 3.92
N GLN A 77 14.54 -1.53 3.94
CA GLN A 77 14.25 -2.67 3.11
C GLN A 77 12.94 -3.35 3.40
N THR A 78 12.32 -3.10 4.49
CA THR A 78 11.01 -3.65 4.78
C THR A 78 9.93 -2.67 5.18
N PHE A 79 10.12 -1.36 5.11
CA PHE A 79 9.10 -0.36 5.50
C PHE A 79 9.13 0.72 4.42
N HIS A 80 8.07 0.80 3.64
CA HIS A 80 7.92 1.77 2.55
C HIS A 80 6.74 2.65 2.84
N GLN A 81 6.70 3.85 2.29
CA GLN A 81 5.68 4.82 2.67
C GLN A 81 5.38 5.78 1.52
N TRP A 82 4.23 6.45 1.57
CA TRP A 82 3.89 7.50 0.64
C TRP A 82 2.78 8.32 1.23
N ARG A 83 2.51 9.47 0.60
N ARG A 83 2.47 9.43 0.58
CA ARG A 83 1.53 10.43 1.08
CA ARG A 83 1.46 10.33 1.07
C ARG A 83 0.47 10.72 0.02
C ARG A 83 0.41 10.62 0.01
N ASP A 84 -0.76 11.03 0.47
CA ASP A 84 -1.73 11.75 -0.38
C ASP A 84 -1.99 13.12 0.31
N ALA A 85 -3.00 13.79 -0.18
CA ALA A 85 -3.34 15.08 0.39
C ALA A 85 -3.94 14.99 1.76
N ARG A 86 -4.33 13.80 2.23
CA ARG A 86 -4.95 13.65 3.54
C ARG A 86 -4.22 12.75 4.49
N GLN A 87 -3.53 11.74 3.99
CA GLN A 87 -2.95 10.76 4.86
C GLN A 87 -1.55 10.30 4.38
N VAL A 88 -0.81 9.77 5.34
CA VAL A 88 0.48 9.11 5.15
C VAL A 88 0.26 7.64 5.36
N TYR A 89 0.69 6.81 4.40
CA TYR A 89 0.53 5.35 4.46
C TYR A 89 1.91 4.74 4.63
N GLY A 90 1.96 3.63 5.32
CA GLY A 90 3.17 2.86 5.50
C GLY A 90 2.89 1.35 5.37
N LEU A 91 3.71 0.64 4.68
CA LEU A 91 3.62 -0.77 4.56
C LEU A 91 4.81 -1.39 5.26
N ASN A 92 4.51 -2.15 6.30
CA ASN A 92 5.55 -2.90 7.03
C ASN A 92 5.53 -4.32 6.52
N PHE A 93 6.44 -4.58 5.57
CA PHE A 93 6.38 -5.84 4.79
C PHE A 93 6.78 -7.03 5.63
N GLY A 94 6.18 -8.18 5.31
CA GLY A 94 6.56 -9.40 5.99
C GLY A 94 7.90 -9.92 5.68
N SER A 95 8.50 -9.55 4.57
CA SER A 95 9.82 -9.95 4.20
C SER A 95 10.40 -8.94 3.22
N LYS A 96 11.73 -8.97 3.05
CA LYS A 96 12.32 -8.15 1.99
C LYS A 96 11.82 -8.51 0.62
N GLU A 97 11.55 -9.78 0.39
CA GLU A 97 11.07 -10.21 -0.91
C GLU A 97 9.74 -9.52 -1.22
N ASP A 98 8.84 -9.50 -0.23
CA ASP A 98 7.55 -8.86 -0.43
C ASP A 98 7.76 -7.38 -0.70
N ALA A 99 8.68 -6.72 0.00
CA ALA A 99 8.96 -5.29 -0.25
C ALA A 99 9.49 -5.09 -1.66
N ASN A 100 10.29 -6.00 -2.16
CA ASN A 100 10.81 -5.88 -3.51
C ASN A 100 9.76 -6.06 -4.57
N VAL A 101 8.88 -7.07 -4.36
CA VAL A 101 7.79 -7.31 -5.28
C VAL A 101 6.93 -6.06 -5.36
N PHE A 102 6.53 -5.53 -4.22
CA PHE A 102 5.63 -4.41 -4.23
C PHE A 102 6.28 -3.16 -4.80
N ALA A 103 7.49 -2.89 -4.35
CA ALA A 103 8.24 -1.71 -4.89
C ALA A 103 8.40 -1.81 -6.41
N SER A 104 8.77 -2.98 -6.93
N SER A 104 8.70 -2.99 -6.94
CA SER A 104 8.87 -3.17 -8.37
CA SER A 104 8.89 -3.09 -8.39
C SER A 104 7.60 -2.77 -9.08
C SER A 104 7.60 -2.84 -9.15
N ALA A 105 6.44 -3.29 -8.64
CA ALA A 105 5.20 -3.01 -9.29
C ALA A 105 4.84 -1.54 -9.17
N MET A 106 5.07 -0.95 -7.98
CA MET A 106 4.80 0.47 -7.79
C MET A 106 5.62 1.30 -8.74
N MET A 107 6.93 1.06 -8.71
CA MET A 107 7.82 1.79 -9.62
C MET A 107 7.43 1.63 -11.10
N HIS A 108 7.01 0.47 -11.52
CA HIS A 108 6.48 0.24 -12.86
C HIS A 108 5.25 1.09 -13.13
N ALA A 109 4.25 1.08 -12.26
CA ALA A 109 3.07 1.93 -12.39
C ALA A 109 3.49 3.40 -12.57
N LEU A 110 4.41 3.86 -11.73
CA LEU A 110 4.83 5.25 -11.79
C LEU A 110 5.59 5.58 -13.06
N GLU A 111 6.21 4.64 -13.71
CA GLU A 111 6.89 4.85 -14.99
C GLU A 111 5.92 4.93 -16.15
N VAL A 112 4.80 4.21 -16.12
CA VAL A 112 3.85 4.13 -17.24
C VAL A 112 2.68 5.11 -17.10
N LEU A 113 2.46 5.72 -15.94
CA LEU A 113 1.47 6.77 -15.79
C LEU A 113 1.85 8.00 -16.61
N K0H B . 9.33 8.50 10.30
N K0H B . 9.31 8.53 10.31
CA K0H B . 10.10 7.32 10.41
CA K0H B . 10.13 7.34 10.41
C K0H B . 9.42 6.14 10.83
C K0H B . 9.44 6.18 10.81
O K0H B . 8.30 6.19 11.35
O K0H B . 8.33 6.25 11.34
CB K0H B . 11.12 7.73 11.52
CB K0H B . 11.12 7.73 11.52
CG K0H B . 11.19 9.21 11.36
CG K0H B . 11.19 9.22 11.36
CD K0H B . 9.72 9.54 11.34
CD K0H B . 9.70 9.52 11.34
CAP K0H B . 8.32 10.35 3.27
CAP K0H B . 8.34 10.35 3.28
CAQ K0H B . 8.52 2.10 14.19
CAQ K0H B . 8.59 2.16 14.24
CAR K0H B . 8.45 10.60 7.05
CAR K0H B . 8.42 10.65 7.04
CAS K0H B . 9.16 3.48 12.32
CAS K0H B . 9.22 3.52 12.34
CAT K0H B . 8.64 10.07 4.61
CAT K0H B . 8.62 10.06 4.62
CAU K0H B . 7.58 2.90 15.07
CAU K0H B . 7.58 2.90 15.11
CAV K0H B . 7.65 13.46 5.34
CAV K0H B . 7.54 13.37 5.05
CAW K0H B . 7.69 9.91 9.33
CAW K0H B . 7.69 9.96 9.33
CAX K0H B . 10.55 2.72 10.65
CAX K0H B . 10.48 2.69 10.67
CAY K0H B . 9.41 3.74 10.99
CAY K0H B . 9.41 3.77 11.00
CAZ K0H B . 5.54 0.98 12.17
CAZ K0H B . 5.46 1.00 11.90
CBA K0H B . 11.39 4.74 9.98
CBA K0H B . 11.38 4.69 9.99
CBB K0H B . 7.87 1.50 11.69
CBB K0H B . 7.78 1.60 11.82
CBC K0H B . 10.08 1.42 10.49
CBC K0H B . 9.93 1.41 10.53
CBD K0H B . 9.38 10.85 2.48
CBD K0H B . 9.39 10.85 2.49
CBF K0H B . 8.03 11.07 5.65
CBF K0H B . 7.98 11.05 5.62
CBG K0H B . 8.41 8.76 9.36
CBG K0H B . 8.42 8.79 9.36
CBI K0H B . 7.13 10.14 2.66
CBI K0H B . 7.12 10.16 2.69
CBJ K0H B . 7.00 0.39 12.23
CBJ K0H B . 6.85 0.64 12.51
CBK K0H B . 8.35 11.02 9.99
CBK K0H B . 8.35 11.03 10.00
CBL K0H B . 9.12 11.17 1.14
CBL K0H B . 9.15 11.17 1.17
CBM K0H B . 7.08 3.34 17.37
CBM K0H B . 7.08 3.34 17.37
CBN K0H B . 11.16 3.34 9.43
CBN K0H B . 11.11 3.29 9.44
CBO K0H B . 9.38 10.80 10.91
CBO K0H B . 9.37 10.81 10.93
CBP K0H B . 8.91 0.90 10.93
CBP K0H B . 8.74 0.92 11.04
CBR K0H B . 5.99 10.53 7.70
CBR K0H B . 5.96 10.46 7.73
CBS K0H B . 7.89 10.94 0.57
CBS K0H B . 7.91 10.96 0.60
CBT K0H B . 8.29 14.84 5.26
CBT K0H B . 8.15 14.70 4.85
CBU K0H B . 6.30 9.70 9.87
CBU K0H B . 6.30 9.66 9.86
CBV K0H B . 6.85 10.41 1.35
CBV K0H B . 6.87 10.45 1.36
CBW K0H B . 5.37 10.61 9.08
CBW K0H B . 5.36 10.61 9.09
NAI K0H B . 8.51 2.42 12.72
NAI K0H B . 8.52 2.49 12.77
NAK K0H B . 8.53 12.45 5.49
NAK K0H B . 8.42 12.43 5.39
NAL K0H B . 10.07 5.01 10.63
NAL K0H B . 10.08 5.02 10.63
NAM K0H B . 7.43 10.37 7.93
NAM K0H B . 7.43 10.39 7.93
OAB K0H B . 9.70 4.21 13.21
OAB K0H B . 9.86 4.19 13.17
OAC K0H B . 7.56 2.48 16.39
OAC K0H B . 7.53 2.44 16.40
OAE K0H B . 6.87 3.79 14.65
OAE K0H B . 6.87 3.80 14.67
OAF K0H B . 9.65 10.37 7.32
OAF K0H B . 9.61 10.53 7.32
OAG K0H B . 8.22 7.83 8.57
OAG K0H B . 8.23 7.89 8.54
OAH K0H B . 6.44 13.32 5.21
OAH K0H B . 6.33 13.17 4.85
CLAA K0H B . 5.81 9.51 3.60
CLAA K0H B . 5.78 9.53 3.59
HA K0H B . 10.53 7.10 9.43
HA K0H B . 10.59 7.13 9.44
HB2 K0H B . 10.77 7.44 12.50
HB2 K0H B . 10.75 7.45 12.50
HB1 K0H B . 12.10 7.27 11.34
HB1 K0H B . 12.10 7.28 11.37
HG1 K0H B . 11.70 9.68 12.20
HG1 K0H B . 11.69 9.69 12.21
HG2 K0H B . 11.68 9.49 10.43
HG2 K0H B . 11.67 9.51 10.44
HD K0H B . 9.27 9.45 12.33
HD K0H B . 9.26 9.41 12.33
HAQ K0H B . 9.53 2.28 14.57
HAQ K0H B . 9.59 2.42 14.61
HAR K0H B . 8.27 1.05 14.32
HAR K0H B . 8.42 1.10 14.38
HAT K0H B . 9.71 10.09 4.73
HAT K0H B . 9.71 10.07 4.76
HAU K0H B . 8.27 9.07 4.85
HAU K0H B . 8.24 9.06 4.84
HAX K0H B . 11.30 2.64 11.45
HAX K0H B . 11.25 2.55 11.44
HAY K0H B . 8.48 3.72 10.44
HAY K0H B . 8.46 3.79 10.46
HA0 K0H B . 4.82 0.16 12.33
HA0 K0H B . 4.85 1.49 12.66
HA1 K0H B . 5.37 1.42 11.19
HA1 K0H B . 5.60 1.67 11.05
HAZ K0H B . 5.41 1.73 12.94
HAZ K0H B . 4.96 0.09 11.56
HBB K0H B . 11.59 5.46 9.18
HBB K0H B . 11.62 5.40 9.19
HBA K0H B . 12.20 4.76 10.71
HBA K0H B . 12.19 4.68 10.72
HBC K0H B . 7.22 2.14 11.10
HBC K0H B . 7.15 2.20 11.17
HBD K0H B . 10.71 0.77 9.88
HBD K0H B . 10.52 0.72 9.92
HBE K0H B . 10.38 10.98 2.90
HBE K0H B . 10.38 10.98 2.93
HBF K0H B . 6.94 11.07 5.50
HBF K0H B . 6.90 11.01 5.50
HBJ K0H B . 7.29 0.16 13.26
HBJ K0H B . 6.85 0.79 13.59
HDL K0H B . 7.10 -0.50 11.62
HDL K0H B . 7.11 -0.40 12.29
HBK K0H B . 8.03 12.04 9.77
HBK K0H B . 8.05 12.06 9.78
HBL K0H B . 9.92 11.62 0.54
HBL K0H B . 9.96 11.59 0.57
HDM K0H B . 7.21 2.89 18.34
HDM K0H B . 7.21 2.90 18.36
HBM K0H B . 6.02 3.54 17.18
HBM K0H B . 6.02 3.56 17.20
HDN K0H B . 7.63 4.28 17.33
HDN K0H B . 7.65 4.26 17.31
HDO K0H B . 12.11 2.86 9.15
HDO K0H B . 12.03 2.78 9.15
HBN K0H B . 10.49 3.34 8.59
HBN K0H B . 10.43 3.32 8.59
HBO K0H B . 9.94 11.66 11.29
HBO K0H B . 9.91 11.66 11.34
HBP K0H B . 8.73 -0.14 10.63
HBP K0H B . 8.50 -0.10 10.77
HBR K0H B . 5.59 9.67 7.16
HBR K0H B . 5.60 9.54 7.26
HG3 K0H B . 5.79 11.44 7.15
HG3 K0H B . 5.71 11.31 7.10
HBS K0H B . 7.73 11.17 -0.47
HBS K0H B . 7.74 11.21 -0.46
HG4 K0H B . 9.38 14.74 5.26
HG4 K0H B . 9.22 14.64 5.01
HG5 K0H B . 7.98 15.43 6.12
HG5 K0H B . 7.95 15.05 3.84
HBT K0H B . 7.97 15.33 4.35
HBT K0H B . 7.73 15.42 5.57
HBU K0H B . 6.27 9.94 10.93
HBU K0H B . 6.24 9.85 10.92
HG6 K0H B . 6.01 8.65 9.72
HG6 K0H B . 6.03 8.63 9.66
HBV K0H B . 5.87 10.22 0.92
HBV K0H B . 5.88 10.27 0.92
HG7 K0H B . 4.34 10.23 9.07
HG7 K0H B . 4.32 10.29 9.11
HBW K0H B . 5.38 11.62 9.46
HBW K0H B . 5.44 11.64 9.45
HAK K0H B . 9.50 12.62 5.61
HAK K0H B . 9.38 12.65 5.55
N NO3 C . 0.45 -12.00 -0.24
N NO3 C . 0.70 -11.94 0.31
O1 NO3 C . -0.25 -11.87 0.85
O1 NO3 C . 0.16 -11.21 1.15
O2 NO3 C . 1.66 -11.66 -0.23
O2 NO3 C . 1.08 -13.08 0.65
O3 NO3 C . -0.01 -12.48 -1.29
O3 NO3 C . 0.76 -11.64 -0.89
N NO3 D . -7.16 -11.67 -1.21
N NO3 D . -7.21 -11.67 -1.59
O1 NO3 D . -8.39 -11.69 -1.27
O1 NO3 D . -7.10 -12.90 -1.28
O2 NO3 D . -6.52 -11.53 -0.07
O2 NO3 D . -7.59 -10.83 -0.75
O3 NO3 D . -6.46 -11.78 -2.30
O3 NO3 D . -6.90 -11.29 -2.80
C1 GOL E . 5.66 -14.66 5.53
O1 GOL E . 5.07 -14.25 6.73
C2 GOL E . 7.16 -14.25 5.57
O2 GOL E . 7.66 -14.32 6.87
C3 GOL E . 7.90 -15.21 4.61
O3 GOL E . 7.71 -14.75 3.28
H11 GOL E . 5.60 -15.62 5.38
H12 GOL E . 5.24 -14.25 4.76
HO1 GOL E . 4.28 -14.55 6.72
H2 GOL E . 7.26 -13.33 5.27
HO2 GOL E . 7.52 -15.11 7.16
H31 GOL E . 8.84 -15.25 4.87
H32 GOL E . 7.55 -16.11 4.75
HO3 GOL E . 8.48 -14.70 2.93
#